data_1A26
#
_entry.id   1A26
#
_cell.length_a   59.040
_cell.length_b   64.440
_cell.length_c   96.720
_cell.angle_alpha   90.00
_cell.angle_beta   90.00
_cell.angle_gamma   90.00
#
_symmetry.space_group_name_H-M   'P 21 21 21'
#
loop_
_entity.id
_entity.type
_entity.pdbx_description
1 polymer 'POLY (ADP-RIBOSE) POLYMERASE'
2 non-polymer CARBA-NICOTINAMIDE-ADENINE-DINUCLEOTIDE
3 water water
#
_entity_poly.entity_id   1
_entity_poly.type   'polypeptide(L)'
_entity_poly.pdbx_seq_one_letter_code
;ALTVSAGTKSKLAKPIQDLIKMIFDVESMKKAMVEFEIDLQKMPLGKLSKRQIQSAYSILNEVQQAVSDGGSESQILDLS
NRFYTLIPHDFGMKKPPLLSNLEYIQAKVQMLDNLLDIEVAYSLLRGGNEDGDKDPIDINYEKLRTDIKVVDKDSEEAKI
IKQYVKNTHAATHNAYDLKVVEIFRIEREGESQRYKPFKQLHNRQLLWHGSRTTNFAGILSQGLRIAPPEAPVTGYMFGK
GIYFADMVSKSANYCHTSQADPIGLILLGEVALGNMYELKNASHITKLPKGKHSVKGLGKTAPDPTATTTLDGVEVPLGN
GISTGINDTCLLYNEYIVYDVAQVNLKYLLKLKFNYKTSLW
;
_entity_poly.pdbx_strand_id   A
#
loop_
_chem_comp.id
_chem_comp.type
_chem_comp.name
_chem_comp.formula
CNA non-polymer CARBA-NICOTINAMIDE-ADENINE-DINUCLEOTIDE 'C22 H30 N7 O13 P2 1'
#
# COMPACT_ATOMS: atom_id res chain seq x y z
N LYS A 9 10.10 24.93 -19.50
CA LYS A 9 9.75 24.69 -18.06
C LYS A 9 8.43 23.92 -17.83
N SER A 10 8.20 23.55 -16.57
CA SER A 10 7.02 22.79 -16.18
C SER A 10 5.76 23.65 -16.24
N LYS A 11 4.66 23.06 -16.71
CA LYS A 11 3.37 23.76 -16.80
C LYS A 11 2.43 23.37 -15.65
N LEU A 12 2.94 22.56 -14.72
CA LEU A 12 2.16 22.08 -13.58
C LEU A 12 2.29 22.98 -12.35
N ALA A 13 1.41 22.80 -11.37
CA ALA A 13 1.46 23.59 -10.14
C ALA A 13 2.67 23.07 -9.38
N LYS A 14 3.27 23.94 -8.55
CA LYS A 14 4.46 23.56 -7.78
C LYS A 14 4.34 22.28 -6.98
N PRO A 15 3.31 22.19 -6.09
CA PRO A 15 3.13 20.98 -5.29
C PRO A 15 3.07 19.68 -6.10
N ILE A 16 2.57 19.74 -7.34
CA ILE A 16 2.48 18.58 -8.24
C ILE A 16 3.90 18.29 -8.77
N GLN A 17 4.67 19.35 -9.03
CA GLN A 17 6.06 19.24 -9.46
C GLN A 17 6.82 18.58 -8.31
N ASP A 18 6.67 19.08 -7.08
CA ASP A 18 7.34 18.47 -5.95
C ASP A 18 6.92 17.04 -5.77
N LEU A 19 5.66 16.75 -6.01
CA LEU A 19 5.17 15.39 -5.86
C LEU A 19 5.85 14.42 -6.85
N ILE A 20 5.87 14.81 -8.13
CA ILE A 20 6.50 13.99 -9.17
C ILE A 20 7.99 13.72 -8.88
N LYS A 21 8.72 14.77 -8.52
CA LYS A 21 10.15 14.62 -8.20
C LYS A 21 10.27 13.57 -7.10
N MET A 22 9.45 13.70 -6.07
CA MET A 22 9.44 12.79 -4.93
C MET A 22 9.19 11.33 -5.27
N ILE A 23 8.17 11.07 -6.08
CA ILE A 23 7.88 9.68 -6.41
C ILE A 23 8.86 9.04 -7.38
N PHE A 24 9.61 9.86 -8.12
CA PHE A 24 10.57 9.32 -9.08
C PHE A 24 12.02 9.42 -8.60
N ASP A 25 12.21 9.77 -7.33
CA ASP A 25 13.55 9.91 -6.78
C ASP A 25 14.28 8.57 -6.80
N VAL A 26 15.39 8.51 -7.53
CA VAL A 26 16.15 7.28 -7.65
C VAL A 26 16.82 6.84 -6.37
N GLU A 27 17.24 7.81 -5.55
CA GLU A 27 17.94 7.51 -4.32
C GLU A 27 17.03 6.86 -3.29
N SER A 28 15.74 7.22 -3.31
CA SER A 28 14.79 6.60 -2.40
C SER A 28 14.58 5.15 -2.85
N MET A 29 14.59 4.89 -4.16
CA MET A 29 14.42 3.50 -4.59
C MET A 29 15.56 2.58 -4.07
N LYS A 30 16.78 3.11 -4.04
CA LYS A 30 17.95 2.37 -3.57
C LYS A 30 17.84 2.15 -2.08
N LYS A 31 17.56 3.23 -1.36
CA LYS A 31 17.38 3.14 0.07
C LYS A 31 16.35 2.04 0.40
N ALA A 32 15.25 2.00 -0.35
CA ALA A 32 14.24 0.98 -0.07
C ALA A 32 14.87 -0.40 -0.23
N MET A 33 15.64 -0.61 -1.30
CA MET A 33 16.27 -1.89 -1.55
C MET A 33 17.32 -2.28 -0.55
N VAL A 34 17.98 -1.30 -0.01
CA VAL A 34 18.99 -1.56 1.00
C VAL A 34 18.27 -1.98 2.28
N GLU A 35 17.15 -1.34 2.58
CA GLU A 35 16.39 -1.71 3.78
C GLU A 35 15.91 -3.12 3.70
N PHE A 36 15.61 -3.60 2.50
CA PHE A 36 15.17 -4.97 2.25
C PHE A 36 16.31 -5.98 2.26
N GLU A 37 17.52 -5.43 2.43
CA GLU A 37 18.81 -6.14 2.48
C GLU A 37 19.26 -6.73 1.15
N ILE A 38 18.88 -6.08 0.06
CA ILE A 38 19.30 -6.51 -1.25
C ILE A 38 20.75 -6.02 -1.44
N ASP A 39 21.51 -6.76 -2.21
CA ASP A 39 22.91 -6.45 -2.51
C ASP A 39 22.90 -5.57 -3.74
N LEU A 40 22.94 -4.26 -3.55
CA LEU A 40 22.92 -3.32 -4.67
C LEU A 40 24.07 -3.48 -5.64
N GLN A 41 25.16 -4.04 -5.13
CA GLN A 41 26.35 -4.26 -5.94
C GLN A 41 26.21 -5.41 -6.90
N LYS A 42 25.49 -6.46 -6.51
CA LYS A 42 25.29 -7.61 -7.38
C LYS A 42 23.96 -7.51 -8.09
N MET A 43 23.03 -6.73 -7.52
CA MET A 43 21.69 -6.55 -8.11
C MET A 43 21.26 -5.08 -8.21
N PRO A 44 21.76 -4.36 -9.23
CA PRO A 44 21.43 -2.96 -9.44
C PRO A 44 19.94 -2.71 -9.78
N LEU A 45 19.52 -1.45 -9.66
CA LEU A 45 18.16 -1.07 -9.95
C LEU A 45 17.72 -1.54 -11.35
N GLY A 46 18.63 -1.44 -12.31
CA GLY A 46 18.33 -1.87 -13.67
C GLY A 46 18.26 -3.37 -13.92
N LYS A 47 18.49 -4.20 -12.90
CA LYS A 47 18.40 -5.64 -13.11
C LYS A 47 17.00 -6.17 -12.82
N LEU A 48 16.25 -5.49 -11.96
CA LEU A 48 14.87 -5.88 -11.62
C LEU A 48 14.07 -6.24 -12.86
N SER A 49 13.66 -7.51 -12.92
CA SER A 49 12.87 -8.03 -14.04
C SER A 49 11.51 -8.50 -13.45
N LYS A 50 10.40 -8.25 -14.14
CA LYS A 50 9.11 -8.73 -13.65
C LYS A 50 9.13 -10.27 -13.52
N ARG A 51 9.74 -10.98 -14.48
CA ARG A 51 9.82 -12.43 -14.42
C ARG A 51 10.57 -12.88 -13.18
N GLN A 52 11.71 -12.23 -12.93
CA GLN A 52 12.55 -12.51 -11.77
C GLN A 52 11.71 -12.53 -10.48
N ILE A 53 10.87 -11.52 -10.32
CA ILE A 53 9.99 -11.42 -9.15
C ILE A 53 8.99 -12.58 -9.08
N GLN A 54 8.39 -12.98 -10.21
CA GLN A 54 7.45 -14.09 -10.20
C GLN A 54 8.08 -15.38 -9.73
N SER A 55 9.27 -15.69 -10.23
CA SER A 55 10.02 -16.88 -9.82
C SER A 55 10.31 -16.86 -8.33
N ALA A 56 10.69 -15.68 -7.86
CA ALA A 56 10.99 -15.49 -6.47
C ALA A 56 9.77 -15.89 -5.61
N TYR A 57 8.59 -15.42 -6.03
CA TYR A 57 7.33 -15.73 -5.34
C TYR A 57 7.06 -17.22 -5.30
N SER A 58 7.24 -17.91 -6.43
CA SER A 58 7.03 -19.37 -6.49
C SER A 58 7.94 -20.10 -5.51
N ILE A 59 9.18 -19.62 -5.41
CA ILE A 59 10.15 -20.19 -4.49
C ILE A 59 9.59 -20.01 -3.08
N LEU A 60 9.13 -18.81 -2.74
CA LEU A 60 8.59 -18.55 -1.39
C LEU A 60 7.34 -19.39 -1.14
N ASN A 61 6.59 -19.60 -2.21
CA ASN A 61 5.39 -20.37 -2.16
C ASN A 61 5.74 -21.80 -1.81
N GLU A 62 6.64 -22.39 -2.58
CA GLU A 62 7.09 -23.74 -2.30
C GLU A 62 7.77 -23.92 -0.93
N VAL A 63 8.66 -23.01 -0.54
CA VAL A 63 9.34 -23.18 0.74
C VAL A 63 8.37 -23.11 1.90
N GLN A 64 7.35 -22.26 1.78
CA GLN A 64 6.33 -22.11 2.81
C GLN A 64 5.58 -23.43 2.98
N GLN A 65 5.31 -24.11 1.88
CA GLN A 65 4.63 -25.40 1.91
C GLN A 65 5.45 -26.44 2.69
N ALA A 66 6.77 -26.45 2.45
CA ALA A 66 7.73 -27.35 3.08
C ALA A 66 7.83 -27.14 4.58
N VAL A 67 7.85 -25.89 5.02
CA VAL A 67 7.94 -25.55 6.45
C VAL A 67 6.64 -25.94 7.14
N SER A 68 5.52 -25.85 6.41
CA SER A 68 4.21 -26.19 6.95
C SER A 68 3.93 -27.68 7.08
N ASP A 69 4.41 -28.44 6.10
CA ASP A 69 4.23 -29.90 6.02
C ASP A 69 5.38 -30.78 6.47
N GLY A 70 6.43 -30.21 7.08
CA GLY A 70 7.56 -31.01 7.52
C GLY A 70 8.33 -31.68 6.37
N GLY A 71 8.67 -30.91 5.33
CA GLY A 71 9.43 -31.44 4.22
C GLY A 71 10.89 -31.59 4.62
N SER A 72 11.70 -32.23 3.78
CA SER A 72 13.12 -32.42 4.10
C SER A 72 13.83 -31.11 4.41
N GLU A 73 14.81 -31.16 5.31
CA GLU A 73 15.61 -29.99 5.64
C GLU A 73 16.43 -29.64 4.36
N SER A 74 16.75 -30.67 3.57
CA SER A 74 17.49 -30.55 2.31
C SER A 74 16.70 -29.63 1.37
N GLN A 75 15.41 -29.90 1.32
CA GLN A 75 14.50 -29.17 0.49
C GLN A 75 14.51 -27.68 0.87
N ILE A 76 14.37 -27.37 2.15
CA ILE A 76 14.35 -25.99 2.64
C ILE A 76 15.69 -25.27 2.40
N LEU A 77 16.77 -26.03 2.46
CA LEU A 77 18.11 -25.49 2.23
C LEU A 77 18.28 -25.20 0.73
N ASP A 78 17.84 -26.12 -0.11
CA ASP A 78 17.98 -25.92 -1.52
C ASP A 78 17.17 -24.70 -1.99
N LEU A 79 15.93 -24.60 -1.49
CA LEU A 79 15.03 -23.49 -1.83
C LEU A 79 15.62 -22.17 -1.40
N SER A 80 16.21 -22.12 -0.20
CA SER A 80 16.86 -20.91 0.30
C SER A 80 18.00 -20.54 -0.63
N ASN A 81 18.80 -21.52 -1.05
CA ASN A 81 19.89 -21.17 -1.94
C ASN A 81 19.36 -20.64 -3.24
N ARG A 82 18.29 -21.24 -3.77
CA ARG A 82 17.79 -20.74 -5.02
C ARG A 82 17.30 -19.33 -4.88
N PHE A 83 16.63 -19.03 -3.77
CA PHE A 83 16.09 -17.69 -3.53
C PHE A 83 17.16 -16.62 -3.47
N TYR A 84 18.18 -16.86 -2.66
CA TYR A 84 19.25 -15.90 -2.50
C TYR A 84 20.11 -15.78 -3.78
N THR A 85 20.15 -16.85 -4.58
CA THR A 85 20.90 -16.80 -5.82
C THR A 85 20.12 -15.96 -6.83
N LEU A 86 18.81 -15.97 -6.72
CA LEU A 86 17.97 -15.21 -7.62
C LEU A 86 17.92 -13.72 -7.21
N ILE A 87 17.79 -13.48 -5.91
CA ILE A 87 17.79 -12.13 -5.36
C ILE A 87 18.94 -12.05 -4.35
N PRO A 88 20.09 -11.55 -4.83
CA PRO A 88 21.32 -11.36 -4.06
C PRO A 88 21.07 -10.45 -2.86
N HIS A 89 21.37 -10.97 -1.68
CA HIS A 89 21.21 -10.27 -0.40
C HIS A 89 22.59 -9.95 0.20
N ASP A 90 22.66 -8.87 0.96
CA ASP A 90 23.89 -8.49 1.62
C ASP A 90 23.60 -8.41 3.11
N PHE A 91 24.09 -9.44 3.81
CA PHE A 91 23.90 -9.58 5.24
C PHE A 91 25.10 -9.12 6.10
N GLY A 92 26.11 -8.51 5.48
CA GLY A 92 27.27 -8.05 6.25
C GLY A 92 28.12 -9.21 6.75
N MET A 93 28.55 -9.16 8.01
CA MET A 93 29.37 -10.25 8.58
C MET A 93 28.47 -11.28 9.23
N LYS A 94 27.18 -11.18 8.95
CA LYS A 94 26.20 -12.07 9.50
C LYS A 94 26.04 -13.27 8.53
N LYS A 95 25.64 -14.42 9.07
CA LYS A 95 25.42 -15.62 8.29
C LYS A 95 24.01 -15.46 7.75
N PRO A 96 23.81 -15.75 6.44
CA PRO A 96 22.49 -15.63 5.82
C PRO A 96 21.49 -16.59 6.45
N PRO A 97 20.35 -16.06 6.91
CA PRO A 97 19.32 -16.90 7.54
C PRO A 97 18.53 -17.70 6.53
N LEU A 98 18.23 -18.93 6.90
CA LEU A 98 17.43 -19.80 6.04
C LEU A 98 15.94 -19.41 6.07
N LEU A 99 15.23 -19.75 5.00
CA LEU A 99 13.82 -19.45 4.90
C LEU A 99 13.11 -20.60 5.59
N SER A 100 13.37 -20.77 6.88
CA SER A 100 12.77 -21.85 7.65
C SER A 100 11.79 -21.36 8.70
N ASN A 101 11.69 -20.05 8.83
CA ASN A 101 10.80 -19.42 9.79
C ASN A 101 9.62 -18.78 9.01
N LEU A 102 8.38 -19.13 9.33
CA LEU A 102 7.25 -18.54 8.58
C LEU A 102 7.16 -17.01 8.63
N GLU A 103 7.67 -16.38 9.68
CA GLU A 103 7.62 -14.93 9.76
C GLU A 103 8.63 -14.27 8.82
N TYR A 104 9.80 -14.90 8.65
CA TYR A 104 10.85 -14.37 7.77
C TYR A 104 10.41 -14.50 6.30
N ILE A 105 9.65 -15.57 6.03
CA ILE A 105 9.09 -15.82 4.72
C ILE A 105 8.06 -14.75 4.37
N GLN A 106 7.21 -14.37 5.32
CA GLN A 106 6.20 -13.32 5.11
C GLN A 106 6.89 -12.03 4.75
N ALA A 107 7.94 -11.70 5.49
CA ALA A 107 8.73 -10.49 5.29
C ALA A 107 9.25 -10.47 3.87
N LYS A 108 9.66 -11.63 3.37
CA LYS A 108 10.19 -11.70 2.05
C LYS A 108 9.14 -11.55 0.99
N VAL A 109 7.92 -11.95 1.30
CA VAL A 109 6.81 -11.83 0.35
C VAL A 109 6.44 -10.33 0.26
N GLN A 110 6.56 -9.63 1.40
CA GLN A 110 6.27 -8.19 1.46
C GLN A 110 7.28 -7.45 0.60
N MET A 111 8.55 -7.84 0.71
CA MET A 111 9.62 -7.22 -0.05
C MET A 111 9.34 -7.32 -1.54
N LEU A 112 8.87 -8.48 -2.00
CA LEU A 112 8.54 -8.64 -3.43
C LEU A 112 7.31 -7.79 -3.84
N ASP A 113 6.32 -7.59 -2.94
CA ASP A 113 5.15 -6.74 -3.27
C ASP A 113 5.69 -5.36 -3.57
N ASN A 114 6.69 -4.93 -2.79
CA ASN A 114 7.34 -3.64 -2.97
C ASN A 114 8.24 -3.62 -4.20
N LEU A 115 9.03 -4.66 -4.41
CA LEU A 115 9.89 -4.69 -5.59
C LEU A 115 9.13 -4.57 -6.91
N LEU A 116 7.89 -5.05 -6.92
CA LEU A 116 7.04 -4.95 -8.12
C LEU A 116 6.72 -3.52 -8.47
N ASP A 117 6.56 -2.68 -7.46
CA ASP A 117 6.24 -1.30 -7.73
C ASP A 117 7.47 -0.54 -8.05
N ILE A 118 8.57 -0.85 -7.35
CA ILE A 118 9.82 -0.16 -7.64
C ILE A 118 10.23 -0.46 -9.07
N GLU A 119 10.08 -1.70 -9.51
CA GLU A 119 10.45 -2.05 -10.90
C GLU A 119 9.68 -1.19 -11.92
N VAL A 120 8.39 -0.98 -11.66
CA VAL A 120 7.51 -0.17 -12.53
C VAL A 120 8.03 1.27 -12.62
N ALA A 121 8.33 1.84 -11.46
CA ALA A 121 8.83 3.20 -11.40
C ALA A 121 10.14 3.36 -12.21
N TYR A 122 11.08 2.45 -12.02
CA TYR A 122 12.35 2.55 -12.74
C TYR A 122 12.16 2.45 -14.25
N SER A 123 11.29 1.53 -14.66
CA SER A 123 10.99 1.32 -16.06
C SER A 123 10.49 2.63 -16.65
N LEU A 124 9.51 3.23 -15.98
CA LEU A 124 8.93 4.47 -16.46
C LEU A 124 9.97 5.58 -16.54
N LEU A 125 10.79 5.68 -15.49
CA LEU A 125 11.82 6.70 -15.40
C LEU A 125 12.82 6.70 -16.56
N ARG A 126 13.15 5.53 -17.08
CA ARG A 126 14.08 5.39 -18.19
C ARG A 126 13.32 5.09 -19.50
N GLY A 127 12.01 5.24 -19.48
CA GLY A 127 11.19 4.99 -20.65
C GLY A 127 11.28 6.12 -21.66
N GLY A 128 10.12 6.60 -22.11
CA GLY A 128 10.06 7.67 -23.12
C GLY A 128 10.43 9.08 -22.73
N ASN A 129 11.73 9.34 -22.62
CA ASN A 129 12.23 10.66 -22.25
C ASN A 129 12.99 11.29 -23.43
N GLU A 130 12.27 11.57 -24.51
CA GLU A 130 12.90 12.20 -25.67
C GLU A 130 12.03 13.33 -26.20
N ASP A 131 12.41 14.53 -25.78
CA ASP A 131 11.76 15.80 -26.13
C ASP A 131 12.53 16.96 -25.48
N GLY A 132 12.63 18.06 -26.21
CA GLY A 132 13.30 19.24 -25.68
C GLY A 132 12.23 20.23 -25.28
N ASP A 133 11.08 20.15 -25.96
CA ASP A 133 9.94 21.03 -25.71
C ASP A 133 9.13 20.70 -24.47
N LYS A 134 9.45 19.60 -23.81
CA LYS A 134 8.74 19.22 -22.59
C LYS A 134 9.74 19.13 -21.45
N ASP A 135 9.42 19.78 -20.34
CA ASP A 135 10.26 19.75 -19.14
C ASP A 135 10.27 18.27 -18.69
N PRO A 136 11.38 17.79 -18.12
CA PRO A 136 11.43 16.38 -17.69
C PRO A 136 10.29 15.97 -16.73
N ILE A 137 9.91 16.86 -15.83
CA ILE A 137 8.82 16.63 -14.89
C ILE A 137 7.50 16.37 -15.61
N ASP A 138 7.12 17.25 -16.54
CA ASP A 138 5.88 17.12 -17.31
C ASP A 138 5.83 15.79 -18.01
N ILE A 139 6.94 15.39 -18.61
CA ILE A 139 7.03 14.11 -19.32
C ILE A 139 6.67 12.92 -18.38
N ASN A 140 7.25 12.94 -17.18
CA ASN A 140 7.03 11.89 -16.18
C ASN A 140 5.61 11.91 -15.62
N TYR A 141 5.06 13.10 -15.49
CA TYR A 141 3.71 13.24 -15.02
C TYR A 141 2.84 12.48 -16.01
N GLU A 142 2.99 12.77 -17.29
CA GLU A 142 2.22 12.13 -18.34
C GLU A 142 2.35 10.65 -18.38
N LYS A 143 3.49 10.14 -17.98
CA LYS A 143 3.67 8.70 -17.95
C LYS A 143 2.74 8.07 -16.90
N LEU A 144 2.33 8.84 -15.88
CA LEU A 144 1.44 8.33 -14.84
C LEU A 144 -0.01 8.03 -15.25
N ARG A 145 -0.45 8.59 -16.37
CA ARG A 145 -1.81 8.37 -16.88
C ARG A 145 -2.85 8.65 -15.81
N THR A 146 -2.59 9.68 -15.01
CA THR A 146 -3.45 10.04 -13.91
C THR A 146 -3.58 11.55 -13.89
N ASP A 147 -4.80 12.05 -13.85
CA ASP A 147 -4.98 13.49 -13.82
C ASP A 147 -4.84 13.89 -12.34
N ILE A 148 -3.93 14.82 -12.01
CA ILE A 148 -3.77 15.24 -10.63
C ILE A 148 -4.06 16.73 -10.46
N LYS A 149 -4.89 17.07 -9.48
CA LYS A 149 -5.26 18.46 -9.21
C LYS A 149 -5.12 18.74 -7.76
N VAL A 150 -4.75 19.97 -7.43
CA VAL A 150 -4.59 20.36 -6.03
C VAL A 150 -5.95 20.77 -5.49
N VAL A 151 -6.29 20.26 -4.32
CA VAL A 151 -7.57 20.58 -3.67
C VAL A 151 -7.31 21.80 -2.81
N ASP A 152 -8.12 22.83 -3.02
CA ASP A 152 -8.00 24.04 -2.24
C ASP A 152 -8.21 23.76 -0.74
N LYS A 153 -7.22 24.19 0.04
CA LYS A 153 -7.17 24.02 1.49
C LYS A 153 -8.37 24.60 2.28
N ASP A 154 -9.23 25.35 1.60
CA ASP A 154 -10.37 25.98 2.26
C ASP A 154 -11.72 25.46 1.84
N SER A 155 -11.78 24.60 0.83
CA SER A 155 -13.07 24.08 0.39
C SER A 155 -13.61 23.08 1.40
N GLU A 156 -14.85 22.63 1.17
CA GLU A 156 -15.46 21.66 2.07
C GLU A 156 -14.67 20.37 2.05
N GLU A 157 -14.26 19.94 0.85
CA GLU A 157 -13.48 18.72 0.65
C GLU A 157 -12.27 18.72 1.57
N ALA A 158 -11.51 19.79 1.54
CA ALA A 158 -10.32 19.92 2.37
C ALA A 158 -10.64 19.85 3.85
N LYS A 159 -11.69 20.57 4.25
CA LYS A 159 -12.09 20.60 5.65
C LYS A 159 -12.50 19.23 6.13
N ILE A 160 -13.31 18.54 5.36
CA ILE A 160 -13.76 17.21 5.77
C ILE A 160 -12.57 16.27 5.91
N ILE A 161 -11.75 16.18 4.87
CA ILE A 161 -10.56 15.32 4.87
C ILE A 161 -9.61 15.62 6.03
N LYS A 162 -9.43 16.90 6.34
CA LYS A 162 -8.58 17.26 7.49
C LYS A 162 -9.20 16.71 8.79
N GLN A 163 -10.53 16.76 8.91
CA GLN A 163 -11.23 16.25 10.09
C GLN A 163 -11.03 14.75 10.19
N TYR A 164 -11.12 14.09 9.05
CA TYR A 164 -10.99 12.64 8.96
C TYR A 164 -9.63 12.22 9.48
N VAL A 165 -8.62 13.01 9.13
CA VAL A 165 -7.24 12.74 9.54
C VAL A 165 -7.05 12.97 11.04
N LYS A 166 -7.48 14.13 11.53
CA LYS A 166 -7.34 14.47 12.95
C LYS A 166 -8.13 13.57 13.93
N ASN A 167 -9.40 13.32 13.61
CA ASN A 167 -10.24 12.51 14.46
C ASN A 167 -9.94 11.03 14.55
N THR A 168 -9.31 10.44 13.53
CA THR A 168 -9.03 8.99 13.53
C THR A 168 -7.61 8.54 13.82
N HIS A 169 -6.85 9.41 14.47
CA HIS A 169 -5.49 9.08 14.84
C HIS A 169 -5.58 8.21 16.08
N ALA A 170 -5.30 6.92 15.94
CA ALA A 170 -5.38 5.95 17.03
C ALA A 170 -4.49 6.19 18.26
N ALA A 171 -4.95 5.69 19.41
CA ALA A 171 -4.27 5.82 20.72
C ALA A 171 -2.85 5.27 20.81
N THR A 172 -2.68 4.01 20.42
CA THR A 172 -1.37 3.35 20.46
C THR A 172 -0.35 3.91 19.46
N HIS A 173 -0.82 4.75 18.55
CA HIS A 173 0.02 5.36 17.53
C HIS A 173 0.39 6.80 17.90
N ASN A 174 0.66 7.03 19.19
CA ASN A 174 1.03 8.38 19.62
C ASN A 174 2.54 8.57 19.73
N ALA A 175 3.23 7.98 18.78
CA ALA A 175 4.65 8.07 18.63
C ALA A 175 4.87 9.25 17.67
N TYR A 176 3.78 9.87 17.21
CA TYR A 176 3.91 10.99 16.28
C TYR A 176 2.60 11.71 16.04
N ASP A 177 2.72 12.91 15.48
CA ASP A 177 1.57 13.72 15.10
C ASP A 177 1.53 13.63 13.59
N LEU A 178 0.48 14.20 13.01
CA LEU A 178 0.28 14.19 11.56
C LEU A 178 -0.16 15.57 11.06
N LYS A 179 0.52 16.09 10.06
CA LYS A 179 0.10 17.35 9.52
C LYS A 179 -0.12 17.12 8.03
N VAL A 180 -1.30 17.50 7.55
CA VAL A 180 -1.63 17.39 6.14
C VAL A 180 -0.91 18.57 5.46
N VAL A 181 0.05 18.28 4.59
CA VAL A 181 0.82 19.30 3.87
C VAL A 181 0.11 19.71 2.57
N GLU A 182 -0.46 18.71 1.90
CA GLU A 182 -1.15 18.92 0.65
C GLU A 182 -2.16 17.80 0.38
N ILE A 183 -3.22 18.13 -0.35
CA ILE A 183 -4.29 17.19 -0.72
C ILE A 183 -4.46 17.29 -2.23
N PHE A 184 -4.40 16.14 -2.92
CA PHE A 184 -4.54 16.14 -4.37
C PHE A 184 -5.73 15.31 -4.76
N ARG A 185 -6.42 15.79 -5.78
CA ARG A 185 -7.55 15.08 -6.32
C ARG A 185 -6.94 14.25 -7.44
N ILE A 186 -7.10 12.93 -7.39
CA ILE A 186 -6.55 12.10 -8.43
C ILE A 186 -7.57 11.32 -9.23
N GLU A 187 -7.30 11.17 -10.53
CA GLU A 187 -8.21 10.44 -11.39
C GLU A 187 -7.42 9.62 -12.42
N ARG A 188 -7.22 8.33 -12.11
CA ARG A 188 -6.49 7.45 -13.00
C ARG A 188 -7.27 7.11 -14.23
N GLU A 189 -6.60 7.14 -15.36
CA GLU A 189 -7.24 6.85 -16.63
C GLU A 189 -8.02 5.55 -16.63
N GLY A 190 -9.27 5.62 -17.06
CA GLY A 190 -10.14 4.45 -17.15
C GLY A 190 -10.62 3.81 -15.87
N GLU A 191 -10.15 4.26 -14.70
CA GLU A 191 -10.54 3.65 -13.42
C GLU A 191 -12.02 3.83 -13.04
N SER A 192 -12.54 5.01 -13.30
CA SER A 192 -13.94 5.32 -13.04
C SER A 192 -14.84 4.43 -13.86
N GLN A 193 -14.43 4.13 -15.10
CA GLN A 193 -15.22 3.28 -15.96
C GLN A 193 -15.22 1.83 -15.48
N ARG A 194 -14.07 1.38 -15.01
CA ARG A 194 -13.86 0.03 -14.49
C ARG A 194 -14.71 -0.19 -13.25
N TYR A 195 -14.72 0.81 -12.36
CA TYR A 195 -15.46 0.76 -11.12
C TYR A 195 -16.99 0.95 -11.27
N LYS A 196 -17.45 1.42 -12.43
CA LYS A 196 -18.89 1.68 -12.60
C LYS A 196 -19.92 0.67 -12.12
N PRO A 197 -19.75 -0.64 -12.41
CA PRO A 197 -20.74 -1.61 -11.95
C PRO A 197 -20.96 -1.64 -10.41
N PHE A 198 -19.94 -1.20 -9.66
CA PHE A 198 -19.97 -1.19 -8.19
C PHE A 198 -20.70 -0.04 -7.54
N LYS A 199 -21.03 0.99 -8.33
CA LYS A 199 -21.80 2.12 -7.84
C LYS A 199 -23.15 1.59 -7.36
N GLN A 200 -23.53 0.40 -7.88
CA GLN A 200 -24.77 -0.29 -7.52
C GLN A 200 -24.72 -0.78 -6.06
N LEU A 201 -23.56 -1.26 -5.61
CA LEU A 201 -23.45 -1.74 -4.24
C LEU A 201 -23.71 -0.66 -3.20
N HIS A 202 -24.22 -1.12 -2.07
CA HIS A 202 -24.49 -0.26 -0.95
C HIS A 202 -23.22 -0.37 -0.10
N ASN A 203 -23.14 0.44 0.96
CA ASN A 203 -22.02 0.42 1.88
C ASN A 203 -20.67 0.71 1.17
N ARG A 204 -20.61 1.82 0.45
CA ARG A 204 -19.40 2.25 -0.24
C ARG A 204 -18.82 3.29 0.70
N GLN A 205 -17.59 3.09 1.15
CA GLN A 205 -16.98 4.06 2.06
C GLN A 205 -15.66 4.68 1.58
N LEU A 206 -15.27 5.80 2.17
CA LEU A 206 -14.01 6.47 1.83
C LEU A 206 -12.96 6.00 2.84
N LEU A 207 -12.10 5.07 2.42
CA LEU A 207 -11.10 4.44 3.27
C LEU A 207 -9.64 4.80 2.95
N TRP A 208 -8.76 4.50 3.91
CA TRP A 208 -7.32 4.80 3.80
C TRP A 208 -6.43 3.67 3.32
N HIS A 209 -5.36 4.04 2.62
CA HIS A 209 -4.36 3.07 2.14
C HIS A 209 -2.96 3.70 2.11
N GLY A 210 -2.09 3.22 3.00
CA GLY A 210 -0.74 3.76 3.07
C GLY A 210 0.24 2.86 2.36
N SER A 211 1.34 3.43 1.87
CA SER A 211 2.39 2.69 1.18
C SER A 211 3.68 3.53 1.17
N ARG A 212 4.82 2.95 0.80
CA ARG A 212 6.06 3.73 0.74
C ARG A 212 5.97 4.70 -0.42
N THR A 213 6.66 5.82 -0.32
CA THR A 213 6.62 6.76 -1.43
C THR A 213 7.15 6.13 -2.70
N THR A 214 8.06 5.17 -2.57
CA THR A 214 8.64 4.51 -3.75
C THR A 214 7.68 3.62 -4.53
N ASN A 215 6.48 3.42 -3.98
CA ASN A 215 5.45 2.60 -4.61
C ASN A 215 4.48 3.40 -5.42
N PHE A 216 4.46 4.71 -5.22
CA PHE A 216 3.48 5.52 -5.90
C PHE A 216 3.43 5.62 -7.40
N ALA A 217 4.54 5.38 -8.08
CA ALA A 217 4.50 5.44 -9.54
C ALA A 217 3.79 4.17 -10.04
N GLY A 218 3.97 3.08 -9.31
CA GLY A 218 3.33 1.85 -9.70
C GLY A 218 1.85 1.95 -9.35
N ILE A 219 1.56 2.52 -8.19
CA ILE A 219 0.18 2.67 -7.73
C ILE A 219 -0.57 3.56 -8.70
N LEU A 220 0.00 4.71 -9.03
CA LEU A 220 -0.67 5.61 -9.96
C LEU A 220 -0.80 5.08 -11.39
N SER A 221 0.22 4.44 -11.94
CA SER A 221 0.09 3.97 -13.32
C SER A 221 -0.68 2.65 -13.45
N GLN A 222 -0.46 1.71 -12.54
CA GLN A 222 -1.14 0.41 -12.57
C GLN A 222 -2.38 0.34 -11.69
N GLY A 223 -2.49 1.23 -10.72
CA GLY A 223 -3.62 1.22 -9.80
C GLY A 223 -3.30 0.26 -8.68
N LEU A 224 -4.13 0.17 -7.64
CA LEU A 224 -3.85 -0.76 -6.55
C LEU A 224 -4.05 -2.14 -7.09
N ARG A 225 -3.17 -3.06 -6.69
CA ARG A 225 -3.21 -4.41 -7.21
C ARG A 225 -3.21 -5.52 -6.16
N ILE A 226 -3.56 -6.72 -6.60
CA ILE A 226 -3.62 -7.91 -5.76
C ILE A 226 -2.35 -8.71 -6.09
N ALA A 227 -1.80 -9.46 -5.13
CA ALA A 227 -0.59 -10.24 -5.40
C ALA A 227 -0.85 -11.25 -6.51
N PRO A 228 0.17 -11.54 -7.36
CA PRO A 228 0.01 -12.50 -8.45
C PRO A 228 -0.20 -13.90 -7.91
N PRO A 229 -0.76 -14.78 -8.77
CA PRO A 229 -1.07 -16.19 -8.48
C PRO A 229 0.05 -16.99 -7.80
N GLU A 230 1.29 -16.67 -8.12
CA GLU A 230 2.47 -17.33 -7.54
C GLU A 230 2.68 -17.07 -6.03
N ALA A 231 2.17 -15.92 -5.58
CA ALA A 231 2.31 -15.52 -4.18
C ALA A 231 1.58 -16.46 -3.23
N PRO A 232 2.22 -16.82 -2.09
CA PRO A 232 1.51 -17.70 -1.17
C PRO A 232 0.33 -16.95 -0.54
N VAL A 233 -0.82 -17.61 -0.48
CA VAL A 233 -1.99 -17.00 0.12
C VAL A 233 -1.73 -16.69 1.60
N THR A 234 -0.85 -17.50 2.18
CA THR A 234 -0.47 -17.39 3.59
C THR A 234 0.33 -16.14 3.91
N GLY A 235 0.98 -15.57 2.90
CA GLY A 235 1.79 -14.39 3.09
C GLY A 235 1.03 -13.14 3.50
N TYR A 236 -0.31 -13.26 3.63
CA TYR A 236 -1.22 -12.18 4.00
C TYR A 236 -2.26 -12.59 5.05
N MET A 237 -2.59 -11.67 5.95
CA MET A 237 -3.55 -11.94 7.02
C MET A 237 -4.89 -12.46 6.56
N PHE A 238 -5.50 -11.78 5.59
CA PHE A 238 -6.82 -12.18 5.09
C PHE A 238 -6.85 -12.63 3.65
N GLY A 239 -5.73 -13.16 3.18
CA GLY A 239 -5.67 -13.61 1.81
C GLY A 239 -5.18 -12.54 0.85
N LYS A 240 -5.17 -12.89 -0.43
CA LYS A 240 -4.69 -11.98 -1.45
C LYS A 240 -5.76 -11.01 -1.94
N GLY A 241 -5.89 -9.86 -1.26
CA GLY A 241 -6.85 -8.83 -1.63
C GLY A 241 -6.22 -7.44 -1.50
N ILE A 242 -7.02 -6.38 -1.43
CA ILE A 242 -6.50 -5.01 -1.26
C ILE A 242 -6.95 -4.55 0.13
N TYR A 243 -6.02 -4.09 0.95
CA TYR A 243 -6.33 -3.69 2.33
C TYR A 243 -6.56 -2.22 2.61
N PHE A 244 -7.50 -1.93 3.51
CA PHE A 244 -7.85 -0.56 3.89
C PHE A 244 -8.13 -0.47 5.37
N ALA A 245 -8.15 0.77 5.87
CA ALA A 245 -8.38 1.06 7.27
C ALA A 245 -9.27 2.29 7.38
N ASP A 246 -9.93 2.43 8.52
CA ASP A 246 -10.79 3.61 8.75
C ASP A 246 -10.11 4.54 9.76
N MET A 247 -8.96 4.09 10.29
CA MET A 247 -8.13 4.84 11.25
C MET A 247 -6.90 5.32 10.44
N VAL A 248 -6.77 6.63 10.26
CA VAL A 248 -5.67 7.17 9.47
C VAL A 248 -4.33 6.68 9.92
N SER A 249 -4.14 6.56 11.23
CA SER A 249 -2.86 6.12 11.77
C SER A 249 -2.49 4.68 11.47
N LYS A 250 -3.47 3.78 11.41
CA LYS A 250 -3.18 2.39 11.09
C LYS A 250 -2.51 2.31 9.70
N SER A 251 -3.07 3.04 8.75
CA SER A 251 -2.53 3.10 7.40
C SER A 251 -1.21 3.86 7.40
N ALA A 252 -1.20 5.05 8.02
CA ALA A 252 0.00 5.89 8.08
C ALA A 252 1.25 5.11 8.48
N ASN A 253 1.08 4.09 9.30
CA ASN A 253 2.21 3.26 9.72
C ASN A 253 2.90 2.52 8.59
N TYR A 254 2.22 2.37 7.45
CA TYR A 254 2.76 1.66 6.29
C TYR A 254 3.50 2.56 5.33
N CYS A 255 3.54 3.84 5.65
CA CYS A 255 4.26 4.79 4.83
C CYS A 255 5.75 4.57 5.08
N HIS A 256 6.06 3.99 6.24
CA HIS A 256 7.44 3.73 6.63
C HIS A 256 8.28 4.99 6.69
N THR A 257 7.78 6.00 7.39
CA THR A 257 8.52 7.24 7.53
C THR A 257 9.39 7.11 8.77
N SER A 258 10.17 8.16 9.07
CA SER A 258 11.08 8.20 10.24
C SER A 258 11.46 9.64 10.54
N GLN A 259 12.12 9.89 11.68
CA GLN A 259 12.53 11.25 12.00
C GLN A 259 13.47 11.75 10.89
N ALA A 260 14.27 10.85 10.35
CA ALA A 260 15.20 11.20 9.28
C ALA A 260 14.49 11.46 7.95
N ASP A 261 13.36 10.80 7.72
CA ASP A 261 12.58 10.91 6.48
C ASP A 261 11.10 10.95 6.87
N PRO A 262 10.62 12.13 7.28
CA PRO A 262 9.23 12.36 7.72
C PRO A 262 8.09 12.52 6.73
N ILE A 263 8.34 12.80 5.46
CA ILE A 263 7.24 12.99 4.51
C ILE A 263 6.69 11.67 3.96
N GLY A 264 5.37 11.48 4.07
CA GLY A 264 4.72 10.28 3.56
C GLY A 264 3.51 10.61 2.69
N LEU A 265 3.16 9.70 1.79
CA LEU A 265 2.00 9.87 0.93
C LEU A 265 0.98 8.83 1.37
N ILE A 266 -0.31 9.19 1.32
CA ILE A 266 -1.35 8.26 1.72
C ILE A 266 -2.55 8.43 0.80
N LEU A 267 -3.25 7.35 0.54
CA LEU A 267 -4.39 7.41 -0.37
C LEU A 267 -5.75 7.32 0.30
N LEU A 268 -6.72 7.98 -0.30
CA LEU A 268 -8.11 7.91 0.14
C LEU A 268 -8.86 7.33 -1.07
N GLY A 269 -9.33 6.10 -0.92
CA GLY A 269 -10.05 5.50 -2.03
C GLY A 269 -11.49 5.16 -1.64
N GLU A 270 -12.40 5.25 -2.62
CA GLU A 270 -13.79 4.91 -2.39
C GLU A 270 -13.86 3.41 -2.64
N VAL A 271 -14.33 2.62 -1.66
CA VAL A 271 -14.40 1.18 -1.83
C VAL A 271 -15.77 0.56 -1.63
N ALA A 272 -16.25 -0.14 -2.67
CA ALA A 272 -17.55 -0.81 -2.66
C ALA A 272 -17.49 -2.06 -1.81
N LEU A 273 -17.93 -1.92 -0.56
CA LEU A 273 -17.92 -2.98 0.42
C LEU A 273 -19.10 -3.95 0.41
N GLY A 274 -20.31 -3.43 0.21
CA GLY A 274 -21.49 -4.28 0.18
C GLY A 274 -21.74 -5.01 1.49
N ASN A 275 -22.06 -6.30 1.41
CA ASN A 275 -22.28 -7.09 2.63
C ASN A 275 -20.92 -7.60 3.04
N MET A 276 -20.48 -7.18 4.20
CA MET A 276 -19.18 -7.56 4.67
C MET A 276 -19.13 -8.88 5.44
N TYR A 277 -18.14 -9.71 5.12
CA TYR A 277 -17.93 -10.97 5.81
C TYR A 277 -17.11 -10.58 7.05
N GLU A 278 -17.75 -10.38 8.19
CA GLU A 278 -17.04 -9.98 9.40
C GLU A 278 -16.26 -11.09 10.16
N LEU A 279 -14.96 -10.88 10.38
CA LEU A 279 -14.11 -11.85 11.09
C LEU A 279 -13.43 -11.22 12.30
N LYS A 280 -13.09 -12.06 13.28
CA LYS A 280 -12.41 -11.59 14.50
C LYS A 280 -10.98 -12.10 14.52
N ASN A 281 -10.69 -13.04 13.62
CA ASN A 281 -9.38 -13.66 13.54
C ASN A 281 -8.88 -13.86 12.11
N ALA A 282 -7.57 -13.88 11.94
CA ALA A 282 -6.94 -14.09 10.63
C ALA A 282 -7.50 -15.35 9.99
N SER A 283 -7.74 -15.26 8.70
CA SER A 283 -8.30 -16.38 7.93
C SER A 283 -7.84 -16.24 6.48
N HIS A 284 -7.30 -17.33 5.95
CA HIS A 284 -6.80 -17.29 4.58
C HIS A 284 -7.88 -17.54 3.55
N ILE A 285 -8.69 -16.51 3.39
CA ILE A 285 -9.81 -16.47 2.48
C ILE A 285 -9.38 -16.69 1.03
N THR A 286 -9.81 -17.81 0.47
CA THR A 286 -9.48 -18.13 -0.91
C THR A 286 -10.61 -17.70 -1.82
N LYS A 287 -11.83 -17.79 -1.31
CA LYS A 287 -13.01 -17.39 -2.07
C LYS A 287 -14.06 -16.81 -1.09
N LEU A 288 -14.88 -15.90 -1.56
CA LEU A 288 -15.87 -15.31 -0.68
C LEU A 288 -17.16 -16.11 -0.59
N PRO A 289 -17.76 -16.15 0.62
CA PRO A 289 -19.01 -16.86 0.91
C PRO A 289 -20.08 -16.18 0.09
N LYS A 290 -20.73 -16.91 -0.81
CA LYS A 290 -21.81 -16.37 -1.64
C LYS A 290 -22.64 -15.36 -0.85
N GLY A 291 -22.87 -14.19 -1.46
CA GLY A 291 -23.63 -13.15 -0.80
C GLY A 291 -22.77 -12.04 -0.21
N LYS A 292 -21.51 -12.33 0.06
CA LYS A 292 -20.62 -11.32 0.63
C LYS A 292 -19.78 -10.62 -0.46
N HIS A 293 -19.39 -9.37 -0.24
CA HIS A 293 -18.61 -8.62 -1.21
C HIS A 293 -17.22 -8.21 -0.72
N SER A 294 -17.00 -8.33 0.59
CA SER A 294 -15.72 -7.93 1.14
C SER A 294 -15.55 -8.56 2.50
N VAL A 295 -14.34 -8.45 3.06
CA VAL A 295 -14.04 -8.97 4.41
C VAL A 295 -13.81 -7.77 5.34
N LYS A 296 -14.16 -7.94 6.60
CA LYS A 296 -14.03 -6.87 7.59
C LYS A 296 -13.47 -7.47 8.90
N GLY A 297 -12.17 -7.28 9.13
CA GLY A 297 -11.57 -7.73 10.38
C GLY A 297 -12.03 -6.70 11.42
N LEU A 298 -12.76 -7.17 12.44
CA LEU A 298 -13.28 -6.32 13.50
C LEU A 298 -12.23 -5.92 14.52
N GLY A 299 -12.20 -4.64 14.89
CA GLY A 299 -11.24 -4.18 15.87
C GLY A 299 -11.93 -3.71 17.13
N LYS A 300 -11.15 -3.43 18.18
CA LYS A 300 -11.66 -2.96 19.47
C LYS A 300 -12.00 -1.47 19.43
N THR A 301 -11.30 -0.71 18.59
CA THR A 301 -11.55 0.72 18.47
C THR A 301 -11.94 1.01 17.00
N ALA A 302 -12.78 2.02 16.78
CA ALA A 302 -13.22 2.39 15.45
C ALA A 302 -13.87 3.76 15.50
N PRO A 303 -14.02 4.41 14.33
CA PRO A 303 -14.65 5.71 14.39
C PRO A 303 -16.08 5.64 14.92
N ASP A 304 -16.50 6.73 15.54
CA ASP A 304 -17.83 6.87 16.12
C ASP A 304 -18.85 6.93 15.02
N PRO A 305 -19.70 5.89 14.92
CA PRO A 305 -20.75 5.79 13.90
C PRO A 305 -21.73 6.93 13.90
N THR A 306 -21.84 7.63 15.03
CA THR A 306 -22.76 8.75 15.10
C THR A 306 -22.24 9.93 14.25
N ALA A 307 -20.93 10.07 14.13
CA ALA A 307 -20.34 11.16 13.38
C ALA A 307 -20.18 10.93 11.89
N THR A 308 -20.44 9.72 11.45
CA THR A 308 -20.28 9.37 10.05
C THR A 308 -20.98 10.32 9.08
N THR A 309 -20.23 11.05 8.26
CA THR A 309 -20.83 11.94 7.26
C THR A 309 -20.75 11.32 5.85
N THR A 310 -21.06 12.12 4.84
CA THR A 310 -21.07 11.65 3.46
C THR A 310 -20.41 12.70 2.59
N LEU A 311 -19.81 12.27 1.48
CA LEU A 311 -19.16 13.19 0.54
C LEU A 311 -19.41 12.53 -0.79
N ASP A 312 -20.21 13.16 -1.65
CA ASP A 312 -20.50 12.61 -2.96
C ASP A 312 -21.15 11.22 -2.91
N GLY A 313 -21.96 10.98 -1.88
CA GLY A 313 -22.68 9.70 -1.74
C GLY A 313 -21.91 8.58 -1.09
N VAL A 314 -20.65 8.85 -0.75
CA VAL A 314 -19.78 7.85 -0.15
C VAL A 314 -19.63 8.12 1.33
N GLU A 315 -19.79 7.08 2.15
CA GLU A 315 -19.67 7.25 3.59
C GLU A 315 -18.26 7.55 4.05
N VAL A 316 -18.14 8.56 4.92
CA VAL A 316 -16.87 8.95 5.48
C VAL A 316 -16.92 8.77 7.01
N PRO A 317 -16.29 7.71 7.53
CA PRO A 317 -16.28 7.44 8.98
C PRO A 317 -15.24 8.30 9.73
N LEU A 318 -15.42 9.61 9.67
CA LEU A 318 -14.49 10.55 10.29
C LEU A 318 -14.70 10.75 11.78
N GLY A 319 -15.50 9.88 12.36
CA GLY A 319 -15.75 9.95 13.78
C GLY A 319 -14.53 9.69 14.64
N ASN A 320 -14.61 10.21 15.86
CA ASN A 320 -13.57 10.06 16.85
C ASN A 320 -13.48 8.60 17.24
N GLY A 321 -12.27 8.10 17.44
CA GLY A 321 -12.11 6.69 17.78
C GLY A 321 -12.84 6.32 19.06
N ILE A 322 -13.73 5.33 19.01
CA ILE A 322 -14.49 4.88 20.18
C ILE A 322 -14.27 3.36 20.32
N SER A 323 -14.54 2.79 21.50
CA SER A 323 -14.39 1.35 21.69
C SER A 323 -15.62 0.76 21.01
N THR A 324 -15.47 -0.38 20.36
CA THR A 324 -16.58 -0.98 19.63
C THR A 324 -17.46 -1.97 20.36
N GLY A 325 -17.01 -2.45 21.51
CA GLY A 325 -17.80 -3.41 22.24
C GLY A 325 -17.37 -4.85 22.06
N ILE A 326 -16.74 -5.16 20.93
CA ILE A 326 -16.28 -6.52 20.72
C ILE A 326 -15.00 -6.75 21.53
N ASN A 327 -15.05 -7.77 22.37
CA ASN A 327 -13.96 -8.11 23.27
C ASN A 327 -13.07 -9.25 22.77
N ASP A 328 -13.67 -10.19 22.07
CA ASP A 328 -12.95 -11.36 21.58
C ASP A 328 -12.37 -11.22 20.17
N THR A 329 -11.60 -10.15 19.96
CA THR A 329 -11.02 -9.91 18.66
C THR A 329 -9.50 -9.72 18.65
N CYS A 330 -8.85 -10.35 17.68
CA CYS A 330 -7.40 -10.25 17.54
C CYS A 330 -6.95 -8.85 17.16
N LEU A 331 -7.79 -8.16 16.39
CA LEU A 331 -7.44 -6.82 15.92
C LEU A 331 -7.76 -5.66 16.86
N LEU A 332 -6.90 -4.64 16.82
CA LEU A 332 -7.07 -3.45 17.64
C LEU A 332 -7.93 -2.48 16.87
N TYR A 333 -7.75 -2.52 15.54
CA TYR A 333 -8.42 -1.63 14.61
C TYR A 333 -9.03 -2.39 13.47
N ASN A 334 -10.04 -1.79 12.83
CA ASN A 334 -10.72 -2.41 11.70
C ASN A 334 -9.81 -2.54 10.50
N GLU A 335 -10.13 -3.51 9.69
CA GLU A 335 -9.35 -3.79 8.51
C GLU A 335 -10.38 -4.19 7.46
N TYR A 336 -10.28 -3.61 6.25
CA TYR A 336 -11.20 -3.93 5.18
C TYR A 336 -10.44 -4.48 3.98
N ILE A 337 -10.93 -5.59 3.45
CA ILE A 337 -10.31 -6.21 2.30
C ILE A 337 -11.26 -6.51 1.13
N VAL A 338 -10.87 -6.08 -0.08
CA VAL A 338 -11.64 -6.39 -1.28
C VAL A 338 -10.80 -7.37 -2.13
N TYR A 339 -11.46 -8.24 -2.88
CA TYR A 339 -10.73 -9.22 -3.66
C TYR A 339 -10.87 -9.00 -5.14
N ASP A 340 -11.23 -7.79 -5.52
CA ASP A 340 -11.36 -7.50 -6.93
C ASP A 340 -10.81 -6.09 -7.12
N VAL A 341 -9.82 -5.96 -7.97
CA VAL A 341 -9.23 -4.66 -8.27
C VAL A 341 -10.27 -3.61 -8.74
N ALA A 342 -11.35 -4.05 -9.36
CA ALA A 342 -12.38 -3.11 -9.80
C ALA A 342 -13.28 -2.54 -8.70
N GLN A 343 -13.15 -3.05 -7.46
CA GLN A 343 -13.98 -2.57 -6.37
C GLN A 343 -13.43 -1.36 -5.66
N VAL A 344 -12.46 -0.70 -6.27
CA VAL A 344 -11.83 0.46 -5.65
C VAL A 344 -11.70 1.57 -6.66
N ASN A 345 -11.89 2.79 -6.19
CA ASN A 345 -11.73 3.95 -7.06
C ASN A 345 -10.95 4.99 -6.23
N LEU A 346 -9.69 5.19 -6.58
CA LEU A 346 -8.85 6.14 -5.88
C LEU A 346 -9.40 7.54 -6.05
N LYS A 347 -9.40 8.31 -4.98
CA LYS A 347 -9.94 9.64 -5.00
C LYS A 347 -8.93 10.72 -4.64
N TYR A 348 -8.29 10.57 -3.49
CA TYR A 348 -7.34 11.59 -3.06
C TYR A 348 -6.00 11.00 -2.70
N LEU A 349 -4.96 11.83 -2.82
CA LEU A 349 -3.60 11.47 -2.43
C LEU A 349 -3.21 12.61 -1.50
N LEU A 350 -2.81 12.26 -0.28
CA LEU A 350 -2.40 13.23 0.70
C LEU A 350 -0.88 13.20 0.97
N LYS A 351 -0.28 14.38 1.08
CA LYS A 351 1.15 14.51 1.38
C LYS A 351 1.14 14.81 2.87
N LEU A 352 1.71 13.91 3.66
CA LEU A 352 1.71 14.03 5.10
C LEU A 352 3.09 14.26 5.64
N LYS A 353 3.15 15.04 6.72
CA LYS A 353 4.40 15.33 7.44
C LYS A 353 4.23 14.76 8.82
N PHE A 354 5.06 13.78 9.15
CA PHE A 354 5.06 13.12 10.43
C PHE A 354 5.89 13.92 11.40
N ASN A 355 5.24 14.43 12.44
CA ASN A 355 5.95 15.18 13.46
C ASN A 355 6.23 14.15 14.58
N TYR A 356 7.45 13.60 14.59
CA TYR A 356 7.81 12.64 15.61
C TYR A 356 8.20 13.30 16.93
N LYS A 357 7.55 12.86 18.02
CA LYS A 357 7.83 13.39 19.35
C LYS A 357 9.30 13.03 19.62
N THR A 358 10.03 13.96 20.24
CA THR A 358 11.49 13.87 20.45
C THR A 358 12.29 13.11 21.53
N SER A 359 13.45 13.71 21.88
CA SER A 359 14.44 13.24 22.86
C SER A 359 14.02 13.38 24.32
PA CNA B . -4.09 -3.97 14.43
O1A CNA B . -5.25 -3.06 14.07
O2A CNA B . -4.64 -5.04 15.32
O5B CNA B . -3.55 -4.65 13.12
C5B CNA B . -2.51 -5.73 13.19
C4B CNA B . -2.02 -5.82 11.75
O4B CNA B . -0.97 -6.80 11.71
C3B CNA B . -2.94 -6.08 10.61
O3B CNA B . -3.17 -4.91 9.83
C2B CNA B . -2.29 -7.19 9.73
O2B CNA B . -1.78 -6.76 8.44
C1B CNA B . -1.16 -7.72 10.61
N9A CNA B . -1.47 -8.98 11.31
C8A CNA B . -1.89 -9.15 12.61
N7A CNA B . -2.07 -10.43 12.90
C5A CNA B . -1.75 -11.13 11.74
C6A CNA B . -1.72 -12.52 11.42
N6A CNA B . -2.06 -13.50 12.27
N1A CNA B . -1.35 -12.84 10.15
C2A CNA B . -1.00 -11.87 9.26
N3A CNA B . -0.97 -10.55 9.46
C4A CNA B . -1.36 -10.24 10.74
O3 CNA B . -2.84 -3.23 15.02
PN CNA B . -1.73 -2.22 14.54
O1N CNA B . -1.90 -2.09 13.09
O2N CNA B . -1.73 -1.00 15.35
O5D CNA B . -0.35 -3.05 14.72
#